data_6Z4L
#
_entry.id   6Z4L
#
_cell.length_a   38.930
_cell.length_b   67.490
_cell.length_c   50.780
_cell.angle_alpha   90.000
_cell.angle_beta   106.120
_cell.angle_gamma   90.000
#
_symmetry.space_group_name_H-M   'P 1 21 1'
#
loop_
_entity.id
_entity.type
_entity.pdbx_description
1 polymer 'Superoxide dismutase [Cu-Zn]'
2 non-polymer ~{N}-(pyridin-3-ylmethyl)-2-selanyl-benzamide
3 non-polymer 'ZINC ION'
4 non-polymer 'SULFATE ION'
5 water water
#
_entity_poly.entity_id   1
_entity_poly.type   'polypeptide(L)'
_entity_poly.pdbx_seq_one_letter_code
;ATKVVCVLKGDGPVQGIINFEQKESNGPVKVWGSIKGLTEGLHGFHVHEFGDNTAGCTSAGPHFNPLSRKHGGPKDEERH
VGDLGNVTADKDGVADVSIEDSVISLSGDHCIIGRTLVVHEKADDLGKGGNEESTKTGNAGSRLACGVIGIAQ
;
_entity_poly.pdbx_strand_id   AAA,BBB
#
loop_
_chem_comp.id
_chem_comp.type
_chem_comp.name
_chem_comp.formula
Q8H non-polymer ~{N}-(pyridin-3-ylmethyl)-2-selanyl-benzamide 'C13 H12 N2 O Se'
SO4 non-polymer 'SULFATE ION' 'O4 S -2'
ZN non-polymer 'ZINC ION' 'Zn 2'
#
# COMPACT_ATOMS: atom_id res chain seq x y z
N ALA A 1 -0.02 -19.68 -1.08
CA ALA A 1 -1.04 -19.41 -2.13
C ALA A 1 -1.63 -18.00 -2.06
N THR A 2 -1.46 -17.24 -0.96
CA THR A 2 -1.63 -15.80 -1.04
C THR A 2 -0.29 -15.17 -0.68
N LYS A 3 0.10 -14.17 -1.47
CA LYS A 3 1.41 -13.53 -1.28
C LYS A 3 1.27 -12.02 -1.28
N VAL A 4 1.95 -11.36 -0.32
CA VAL A 4 1.82 -9.91 -0.18
C VAL A 4 3.19 -9.35 0.13
N VAL A 5 3.37 -8.05 -0.09
CA VAL A 5 4.72 -7.50 -0.03
C VAL A 5 4.64 -6.08 0.50
N CYS A 6 5.75 -5.60 1.05
CA CYS A 6 5.81 -4.25 1.55
C CYS A 6 7.21 -3.74 1.34
N VAL A 7 7.32 -2.56 0.73
CA VAL A 7 8.60 -1.87 0.59
C VAL A 7 8.70 -0.82 1.66
N LEU A 8 9.73 -0.89 2.51
CA LEU A 8 9.87 0.04 3.65
C LEU A 8 10.84 1.14 3.24
N LYS A 9 10.42 2.41 3.42
CA LYS A 9 11.29 3.53 3.15
C LYS A 9 11.13 4.58 4.24
N GLY A 10 12.30 5.19 4.53
CA GLY A 10 12.56 6.27 5.43
C GLY A 10 14.02 6.72 5.29
N ASP A 11 14.32 7.85 5.96
CA ASP A 11 15.60 8.54 6.05
C ASP A 11 16.73 7.67 6.62
N GLY A 12 17.95 7.85 6.05
CA GLY A 12 19.21 7.20 6.43
C GLY A 12 20.15 6.87 5.25
N PRO A 13 19.69 6.06 4.19
CA PRO A 13 18.33 5.44 4.04
C PRO A 13 18.05 4.21 4.90
N VAL A 14 16.93 4.16 5.62
CA VAL A 14 16.49 2.85 6.10
C VAL A 14 15.55 2.32 5.04
N GLN A 15 15.84 1.13 4.54
CA GLN A 15 15.05 0.62 3.42
C GLN A 15 14.99 -0.90 3.51
N GLY A 16 13.84 -1.43 3.13
CA GLY A 16 13.71 -2.86 3.21
C GLY A 16 12.64 -3.42 2.29
N ILE A 17 12.70 -4.72 2.03
CA ILE A 17 11.59 -5.40 1.36
C ILE A 17 11.19 -6.54 2.28
N ILE A 18 9.90 -6.57 2.62
CA ILE A 18 9.38 -7.66 3.41
C ILE A 18 8.24 -8.35 2.65
N ASN A 19 8.36 -9.67 2.57
CA ASN A 19 7.40 -10.51 1.88
C ASN A 19 6.60 -11.28 2.89
N PHE A 20 5.32 -11.53 2.56
CA PHE A 20 4.46 -12.34 3.41
C PHE A 20 3.80 -13.40 2.53
N GLU A 21 3.67 -14.63 3.06
CA GLU A 21 3.01 -15.66 2.26
C GLU A 21 2.18 -16.54 3.19
N GLN A 22 0.95 -16.89 2.77
CA GLN A 22 0.09 -17.73 3.60
C GLN A 22 -0.46 -18.84 2.70
N LYS A 23 -0.18 -20.10 3.04
CA LYS A 23 -0.59 -21.25 2.25
C LYS A 23 -2.10 -21.41 2.25
N GLU A 24 -2.73 -21.23 3.42
CA GLU A 24 -4.18 -21.27 3.50
C GLU A 24 -4.69 -20.30 4.56
N SER A 25 -5.98 -19.94 4.51
CA SER A 25 -6.52 -18.89 5.38
C SER A 25 -6.43 -19.27 6.86
N ASN A 26 -6.45 -20.57 7.15
N ASN A 26 -6.45 -20.58 7.15
CA ASN A 26 -6.39 -21.05 8.53
CA ASN A 26 -6.39 -21.06 8.52
C ASN A 26 -4.94 -21.22 8.97
C ASN A 26 -4.94 -21.29 8.95
N GLY A 27 -3.97 -20.95 8.08
CA GLY A 27 -2.62 -21.28 8.42
C GLY A 27 -1.77 -20.08 8.83
N PRO A 28 -0.52 -20.32 9.24
CA PRO A 28 0.37 -19.21 9.56
C PRO A 28 0.84 -18.45 8.33
N VAL A 29 1.36 -17.25 8.60
CA VAL A 29 1.94 -16.43 7.57
C VAL A 29 3.46 -16.43 7.77
N LYS A 30 4.19 -16.70 6.70
CA LYS A 30 5.64 -16.62 6.73
C LYS A 30 5.99 -15.21 6.30
N VAL A 31 6.95 -14.60 7.01
CA VAL A 31 7.33 -13.22 6.76
C VAL A 31 8.85 -13.25 6.54
N TRP A 32 9.36 -12.70 5.44
CA TRP A 32 10.80 -12.79 5.25
C TRP A 32 11.26 -11.62 4.40
N GLY A 33 12.49 -11.23 4.63
CA GLY A 33 13.07 -10.22 3.75
C GLY A 33 14.26 -9.58 4.46
N SER A 34 14.59 -8.35 4.08
N SER A 34 14.57 -8.34 4.11
CA SER A 34 15.78 -7.70 4.61
CA SER A 34 15.77 -7.72 4.66
C SER A 34 15.48 -6.22 4.81
C SER A 34 15.55 -6.22 4.79
N ILE A 35 16.08 -5.61 5.85
CA ILE A 35 16.04 -4.17 6.04
C ILE A 35 17.47 -3.72 6.26
N LYS A 36 17.88 -2.66 5.55
CA LYS A 36 19.23 -2.16 5.75
C LYS A 36 19.21 -0.72 6.25
N GLY A 37 20.38 -0.24 6.68
CA GLY A 37 20.49 1.14 7.14
C GLY A 37 20.12 1.38 8.61
N LEU A 38 19.98 0.30 9.40
CA LEU A 38 19.55 0.38 10.77
C LEU A 38 20.75 0.42 11.70
N THR A 39 20.51 0.97 12.90
CA THR A 39 21.49 0.83 13.97
C THR A 39 21.51 -0.63 14.44
N GLU A 40 22.73 -1.10 14.79
CA GLU A 40 22.84 -2.44 15.36
C GLU A 40 21.93 -2.58 16.58
N GLY A 41 21.16 -3.71 16.63
CA GLY A 41 20.33 -4.04 17.77
C GLY A 41 18.85 -4.21 17.38
N LEU A 42 17.95 -4.10 18.36
CA LEU A 42 16.54 -4.48 18.14
C LEU A 42 15.79 -3.25 17.60
N HIS A 43 14.83 -3.51 16.70
CA HIS A 43 13.95 -2.44 16.22
C HIS A 43 12.52 -2.98 16.18
N GLY A 44 11.64 -2.26 16.85
CA GLY A 44 10.24 -2.70 16.89
C GLY A 44 9.67 -2.84 15.48
N PHE A 45 8.78 -3.82 15.33
CA PHE A 45 8.34 -4.21 14.00
C PHE A 45 6.86 -4.49 14.07
N HIS A 46 6.07 -3.58 13.46
CA HIS A 46 4.65 -3.66 13.72
C HIS A 46 3.84 -3.38 12.45
N VAL A 47 2.67 -4.01 12.40
CA VAL A 47 1.65 -3.56 11.44
C VAL A 47 0.83 -2.49 12.18
N HIS A 48 0.74 -1.29 11.55
CA HIS A 48 -0.05 -0.17 12.04
C HIS A 48 -1.39 -0.12 11.32
N GLU A 49 -2.37 0.59 11.92
CA GLU A 49 -3.76 0.48 11.52
C GLU A 49 -4.06 1.06 10.13
N PHE A 50 -3.40 2.15 9.75
CA PHE A 50 -3.79 2.81 8.51
C PHE A 50 -2.70 2.63 7.48
N GLY A 51 -3.12 2.26 6.24
CA GLY A 51 -2.21 2.23 5.09
C GLY A 51 -2.10 3.63 4.50
N ASP A 52 -1.90 4.60 5.40
CA ASP A 52 -1.92 6.00 5.05
C ASP A 52 -0.53 6.47 5.32
N ASN A 53 0.20 6.80 4.25
CA ASN A 53 1.53 7.36 4.39
C ASN A 53 1.61 8.75 3.79
N THR A 54 0.46 9.44 3.73
CA THR A 54 0.40 10.72 3.05
C THR A 54 1.29 11.74 3.71
N ALA A 55 1.43 11.68 5.04
CA ALA A 55 2.38 12.61 5.61
C ALA A 55 3.56 11.86 6.23
N GLY A 56 3.95 10.76 5.60
CA GLY A 56 4.97 9.87 6.10
C GLY A 56 4.42 8.86 7.10
N CYS A 57 5.33 8.27 7.89
CA CYS A 57 4.92 7.13 8.70
C CYS A 57 4.01 7.53 9.85
N THR A 58 3.99 8.81 10.20
CA THR A 58 3.12 9.31 11.25
C THR A 58 1.63 9.06 10.92
N SER A 59 1.24 9.13 9.63
CA SER A 59 -0.18 8.99 9.32
CA SER A 59 -0.14 8.96 9.18
C SER A 59 -0.69 7.55 9.46
N ALA A 60 0.23 6.63 9.78
CA ALA A 60 -0.19 5.23 9.87
C ALA A 60 -0.96 4.93 11.14
N GLY A 61 -0.97 5.87 12.11
CA GLY A 61 -1.83 5.66 13.25
C GLY A 61 -1.23 4.66 14.26
N PRO A 62 -2.07 4.08 15.13
CA PRO A 62 -1.61 3.14 16.16
C PRO A 62 -1.40 1.72 15.64
N HIS A 63 -1.03 0.79 16.53
CA HIS A 63 -0.84 -0.59 16.08
C HIS A 63 -2.17 -1.14 15.59
N PHE A 64 -2.08 -1.99 14.56
CA PHE A 64 -3.26 -2.67 14.04
C PHE A 64 -3.83 -3.58 15.11
N ASN A 65 -5.04 -3.22 15.59
CA ASN A 65 -5.56 -3.90 16.78
C ASN A 65 -7.05 -4.19 16.61
N PRO A 66 -7.43 -5.02 15.62
CA PRO A 66 -8.85 -5.23 15.32
C PRO A 66 -9.62 -5.92 16.45
N LEU A 67 -8.92 -6.61 17.35
CA LEU A 67 -9.62 -7.35 18.40
C LEU A 67 -9.55 -6.65 19.77
N SER A 68 -9.06 -5.40 19.78
CA SER A 68 -9.16 -4.55 20.97
C SER A 68 -8.43 -5.16 22.16
N ARG A 69 -7.21 -5.64 21.95
CA ARG A 69 -6.36 -6.17 23.01
C ARG A 69 -5.25 -5.18 23.35
N LYS A 70 -4.52 -5.47 24.44
CA LYS A 70 -3.35 -4.71 24.81
C LYS A 70 -2.13 -5.13 24.00
N HIS A 71 -1.11 -4.27 24.00
CA HIS A 71 0.11 -4.56 23.25
C HIS A 71 0.90 -5.68 23.95
N GLY A 72 1.46 -6.57 23.14
CA GLY A 72 2.33 -7.62 23.61
C GLY A 72 3.38 -8.00 22.61
N GLY A 73 4.10 -9.10 22.89
CA GLY A 73 4.98 -9.69 21.92
C GLY A 73 4.24 -10.71 21.06
N PRO A 74 4.85 -11.15 19.93
CA PRO A 74 4.20 -12.07 18.99
C PRO A 74 3.77 -13.39 19.63
N LYS A 75 4.51 -13.83 20.67
CA LYS A 75 4.22 -15.11 21.31
C LYS A 75 3.10 -15.03 22.34
N ASP A 76 2.66 -13.80 22.67
CA ASP A 76 1.70 -13.58 23.73
C ASP A 76 0.30 -13.77 23.19
N GLU A 77 -0.58 -14.37 24.01
CA GLU A 77 -2.01 -14.34 23.73
C GLU A 77 -2.56 -12.91 23.76
N GLU A 78 -2.16 -12.11 24.76
CA GLU A 78 -2.57 -10.73 24.85
C GLU A 78 -1.58 -9.91 24.00
N ARG A 79 -1.99 -9.64 22.76
CA ARG A 79 -1.21 -8.82 21.84
C ARG A 79 -2.18 -8.18 20.85
N HIS A 80 -1.68 -7.17 20.14
CA HIS A 80 -2.37 -6.64 18.98
C HIS A 80 -2.10 -7.57 17.81
N VAL A 81 -3.03 -7.63 16.83
CA VAL A 81 -2.70 -8.41 15.63
C VAL A 81 -1.38 -7.92 15.04
N GLY A 82 -1.13 -6.61 15.01
CA GLY A 82 0.06 -6.10 14.35
C GLY A 82 1.37 -6.26 15.14
N ASP A 83 1.34 -6.97 16.27
CA ASP A 83 2.53 -7.04 17.14
C ASP A 83 3.47 -8.13 16.67
N LEU A 84 4.45 -7.75 15.83
CA LEU A 84 5.40 -8.68 15.29
C LEU A 84 6.75 -8.58 16.00
N GLY A 85 6.80 -7.92 17.17
CA GLY A 85 8.00 -8.05 18.01
C GLY A 85 9.10 -7.11 17.51
N ASN A 86 10.31 -7.64 17.40
CA ASN A 86 11.45 -6.84 16.98
C ASN A 86 12.16 -7.58 15.85
N VAL A 87 12.84 -6.82 15.01
CA VAL A 87 13.81 -7.36 14.09
C VAL A 87 15.17 -6.92 14.63
N THR A 88 16.20 -7.69 14.29
CA THR A 88 17.50 -7.45 14.91
C THR A 88 18.51 -7.15 13.80
N ALA A 89 19.14 -5.96 13.87
CA ALA A 89 20.13 -5.56 12.88
C ALA A 89 21.53 -5.88 13.40
N ASP A 90 22.35 -6.35 12.46
CA ASP A 90 23.71 -6.73 12.77
C ASP A 90 24.59 -5.48 12.80
N LYS A 91 25.88 -5.71 12.97
CA LYS A 91 26.86 -4.64 13.07
C LYS A 91 26.90 -3.81 11.78
N ASP A 92 26.55 -4.44 10.66
CA ASP A 92 26.50 -3.84 9.33
C ASP A 92 25.18 -3.13 9.05
N GLY A 93 24.28 -3.16 10.04
CA GLY A 93 23.03 -2.39 9.99
C GLY A 93 21.94 -3.15 9.24
N VAL A 94 22.16 -4.43 8.98
CA VAL A 94 21.20 -5.22 8.22
C VAL A 94 20.45 -6.20 9.11
N ALA A 95 19.10 -6.15 9.02
CA ALA A 95 18.28 -7.15 9.68
C ALA A 95 17.70 -8.08 8.61
N ASP A 96 18.06 -9.35 8.73
CA ASP A 96 17.47 -10.32 7.83
C ASP A 96 16.29 -10.93 8.61
N VAL A 97 15.10 -10.78 8.04
CA VAL A 97 13.86 -11.07 8.73
C VAL A 97 13.39 -12.46 8.32
N SER A 98 13.06 -13.26 9.33
CA SER A 98 12.47 -14.56 9.09
C SER A 98 11.57 -14.86 10.27
N ILE A 99 10.26 -14.73 10.06
CA ILE A 99 9.23 -14.80 11.10
C ILE A 99 8.18 -15.77 10.54
N GLU A 100 7.62 -16.62 11.40
CA GLU A 100 6.30 -17.20 11.09
C GLU A 100 5.35 -16.66 12.16
N ASP A 101 4.15 -16.21 11.74
CA ASP A 101 3.18 -15.75 12.72
C ASP A 101 1.80 -16.33 12.45
N SER A 102 1.08 -16.66 13.52
CA SER A 102 -0.22 -17.35 13.41
C SER A 102 -1.36 -16.37 13.69
N VAL A 103 -1.04 -15.11 14.00
CA VAL A 103 -2.11 -14.19 14.38
C VAL A 103 -2.44 -13.24 13.22
N ILE A 104 -1.40 -12.59 12.64
CA ILE A 104 -1.67 -11.94 11.34
C ILE A 104 -2.25 -12.95 10.34
N SER A 105 -2.98 -12.39 9.36
CA SER A 105 -3.48 -13.23 8.27
C SER A 105 -3.47 -12.43 6.97
N LEU A 106 -3.65 -13.12 5.84
CA LEU A 106 -3.84 -12.45 4.57
C LEU A 106 -5.28 -12.61 4.10
N SER A 107 -6.17 -12.94 5.02
CA SER A 107 -7.59 -13.11 4.77
C SER A 107 -8.36 -12.72 6.04
N GLY A 108 -9.59 -12.24 5.87
CA GLY A 108 -10.47 -12.04 7.02
C GLY A 108 -10.11 -10.83 7.87
N ASP A 109 -10.71 -10.72 9.07
CA ASP A 109 -10.54 -9.50 9.85
C ASP A 109 -9.17 -9.36 10.54
N HIS A 110 -8.33 -10.40 10.45
CA HIS A 110 -6.94 -10.30 10.87
C HIS A 110 -6.04 -9.94 9.68
N CYS A 111 -6.62 -9.58 8.53
CA CYS A 111 -5.86 -9.39 7.33
C CYS A 111 -5.07 -8.11 7.44
N ILE A 112 -3.81 -8.14 6.95
CA ILE A 112 -2.94 -6.98 7.05
C ILE A 112 -2.77 -6.22 5.72
N ILE A 113 -3.44 -6.67 4.66
CA ILE A 113 -3.36 -5.96 3.38
C ILE A 113 -3.97 -4.57 3.55
N GLY A 114 -3.25 -3.57 2.98
CA GLY A 114 -3.79 -2.22 3.02
C GLY A 114 -3.42 -1.49 4.32
N ARG A 115 -2.69 -2.18 5.21
CA ARG A 115 -2.19 -1.56 6.43
C ARG A 115 -0.74 -1.13 6.22
N THR A 116 -0.08 -0.63 7.29
CA THR A 116 1.29 -0.13 7.08
C THR A 116 2.21 -1.01 7.93
N LEU A 117 3.35 -1.43 7.37
CA LEU A 117 4.38 -2.07 8.18
C LEU A 117 5.38 -0.99 8.57
N VAL A 118 5.80 -1.00 9.85
CA VAL A 118 6.70 0.03 10.36
C VAL A 118 7.86 -0.64 11.07
N VAL A 119 9.08 -0.15 10.78
CA VAL A 119 10.22 -0.49 11.62
C VAL A 119 10.64 0.73 12.44
N HIS A 120 10.88 0.51 13.75
CA HIS A 120 11.04 1.56 14.75
C HIS A 120 12.49 1.79 15.14
N GLU A 121 12.71 2.94 15.78
CA GLU A 121 14.02 3.41 16.23
C GLU A 121 14.68 2.49 17.26
N LYS A 122 13.88 2.03 18.22
CA LYS A 122 14.34 1.33 19.42
C LYS A 122 13.64 -0.02 19.50
N ALA A 123 14.02 -0.82 20.50
CA ALA A 123 13.36 -2.09 20.76
C ALA A 123 11.94 -1.88 21.27
N ASP A 124 11.07 -2.80 20.87
CA ASP A 124 9.77 -3.03 21.46
C ASP A 124 9.95 -3.86 22.72
N ASP A 125 9.47 -3.35 23.86
CA ASP A 125 9.65 -4.03 25.15
C ASP A 125 8.60 -5.13 25.35
N LEU A 126 7.72 -5.33 24.35
CA LEU A 126 6.77 -6.43 24.29
C LEU A 126 5.77 -6.40 25.44
N GLY A 127 5.50 -5.20 25.97
CA GLY A 127 4.56 -4.98 27.05
C GLY A 127 5.16 -5.31 28.43
N LYS A 128 6.50 -5.43 28.49
CA LYS A 128 7.15 -5.72 29.76
C LYS A 128 8.03 -4.59 30.26
N GLY A 129 7.64 -3.33 29.96
CA GLY A 129 8.48 -2.20 30.35
C GLY A 129 8.03 -1.55 31.66
N GLY A 130 6.80 -1.80 32.09
CA GLY A 130 6.35 -1.34 33.41
C GLY A 130 5.77 0.08 33.41
N ASN A 131 5.43 0.63 32.23
CA ASN A 131 4.83 1.94 32.17
C ASN A 131 3.58 1.86 31.30
N GLU A 132 2.80 2.94 31.29
CA GLU A 132 1.55 3.05 30.56
C GLU A 132 1.79 2.72 29.08
N GLU A 133 2.87 3.28 28.51
CA GLU A 133 3.09 3.15 27.09
C GLU A 133 3.45 1.70 26.76
N SER A 134 4.07 0.97 27.69
CA SER A 134 4.53 -0.37 27.35
C SER A 134 3.38 -1.24 26.80
N THR A 135 2.20 -1.17 27.42
CA THR A 135 1.09 -2.03 26.99
C THR A 135 0.25 -1.37 25.90
N LYS A 136 0.79 -0.30 25.29
CA LYS A 136 0.14 0.32 24.15
C LYS A 136 1.05 0.25 22.92
N THR A 137 2.30 0.71 23.05
CA THR A 137 3.17 0.82 21.90
C THR A 137 4.42 -0.03 22.05
N GLY A 138 4.75 -0.45 23.29
CA GLY A 138 6.02 -1.13 23.54
C GLY A 138 7.24 -0.20 23.65
N ASN A 139 7.03 1.12 23.61
CA ASN A 139 8.10 2.09 23.79
C ASN A 139 9.18 1.92 22.73
N ALA A 140 8.76 1.62 21.48
CA ALA A 140 9.77 1.41 20.44
C ALA A 140 10.22 2.70 19.73
N GLY A 141 9.64 3.84 20.09
CA GLY A 141 10.27 5.08 19.62
C GLY A 141 9.84 5.42 18.18
N SER A 142 10.68 6.24 17.54
CA SER A 142 10.25 6.87 16.29
C SER A 142 10.08 5.83 15.17
N ARG A 143 9.40 6.26 14.10
CA ARG A 143 9.19 5.37 12.97
C ARG A 143 10.23 5.62 11.92
N LEU A 144 11.13 4.65 11.68
CA LEU A 144 12.28 4.93 10.83
C LEU A 144 11.91 4.72 9.37
N ALA A 145 11.04 3.74 9.09
CA ALA A 145 10.71 3.43 7.71
C ALA A 145 9.39 2.68 7.73
N CYS A 146 8.64 2.87 6.64
CA CYS A 146 7.34 2.22 6.59
C CYS A 146 6.95 2.05 5.13
N GLY A 147 5.86 1.29 4.93
CA GLY A 147 5.30 1.13 3.62
C GLY A 147 3.93 0.48 3.75
N VAL A 148 3.13 0.65 2.70
CA VAL A 148 1.80 0.04 2.70
C VAL A 148 1.92 -1.41 2.20
N ILE A 149 1.14 -2.30 2.81
CA ILE A 149 1.21 -3.73 2.55
C ILE A 149 0.30 -4.07 1.38
N GLY A 150 0.91 -4.56 0.28
CA GLY A 150 0.17 -4.69 -0.98
C GLY A 150 0.09 -6.15 -1.45
N ILE A 151 -0.84 -6.41 -2.36
CA ILE A 151 -1.01 -7.72 -2.98
C ILE A 151 0.13 -7.98 -3.95
N ALA A 152 0.74 -9.17 -3.82
CA ALA A 152 1.79 -9.58 -4.75
C ALA A 152 1.30 -10.66 -5.72
N GLN A 153 2.10 -10.83 -6.77
CA GLN A 153 1.83 -11.81 -7.79
C GLN A 153 2.02 -13.24 -7.26
N ALA B 1 -18.49 5.81 4.33
CA ALA B 1 -18.10 4.96 5.46
C ALA B 1 -16.83 4.14 5.19
N THR B 2 -16.32 4.04 3.95
CA THR B 2 -14.99 3.48 3.77
C THR B 2 -14.12 4.53 3.08
N LYS B 3 -12.93 4.77 3.64
CA LYS B 3 -11.98 5.73 3.07
C LYS B 3 -10.63 5.03 2.87
N VAL B 4 -10.02 5.26 1.70
CA VAL B 4 -8.71 4.71 1.41
C VAL B 4 -7.90 5.82 0.75
N VAL B 5 -6.58 5.67 0.73
CA VAL B 5 -5.72 6.77 0.29
C VAL B 5 -4.51 6.18 -0.44
N CYS B 6 -3.83 7.01 -1.21
CA CYS B 6 -2.66 6.56 -1.93
C CYS B 6 -1.72 7.76 -2.07
N VAL B 7 -0.45 7.59 -1.68
CA VAL B 7 0.58 8.58 -1.94
C VAL B 7 1.33 8.17 -3.20
N LEU B 8 1.37 9.03 -4.22
N LEU B 8 1.38 9.02 -4.23
CA LEU B 8 2.06 8.72 -5.47
CA LEU B 8 2.05 8.68 -5.48
C LEU B 8 3.47 9.25 -5.42
C LEU B 8 3.46 9.24 -5.47
N LYS B 9 4.46 8.37 -5.66
CA LYS B 9 5.84 8.79 -5.79
C LYS B 9 6.50 8.01 -6.93
N GLY B 10 7.55 8.57 -7.55
CA GLY B 10 8.24 7.75 -8.53
C GLY B 10 9.70 8.19 -8.63
N ASP B 11 10.33 7.83 -9.76
CA ASP B 11 11.74 8.12 -10.05
C ASP B 11 11.99 9.61 -10.23
N GLY B 12 10.98 10.34 -10.72
CA GLY B 12 11.16 11.75 -10.99
C GLY B 12 10.47 12.64 -9.97
N PRO B 13 10.11 13.86 -10.41
CA PRO B 13 9.46 14.87 -9.55
C PRO B 13 7.95 14.75 -9.36
N VAL B 14 7.32 13.74 -9.95
CA VAL B 14 5.86 13.63 -9.94
C VAL B 14 5.45 13.03 -8.61
N GLN B 15 4.55 13.75 -7.92
CA GLN B 15 4.14 13.27 -6.62
C GLN B 15 2.71 13.70 -6.36
N GLY B 16 1.98 12.90 -5.59
CA GLY B 16 0.57 13.24 -5.49
C GLY B 16 -0.07 12.54 -4.29
N ILE B 17 -1.29 12.96 -3.97
CA ILE B 17 -2.07 12.38 -2.90
C ILE B 17 -3.46 12.16 -3.47
N ILE B 18 -3.96 10.93 -3.38
CA ILE B 18 -5.29 10.63 -3.91
C ILE B 18 -6.10 9.93 -2.82
N ASN B 19 -7.33 10.41 -2.65
CA ASN B 19 -8.26 9.89 -1.64
C ASN B 19 -9.39 9.20 -2.36
N PHE B 20 -9.90 8.12 -1.76
CA PHE B 20 -11.09 7.45 -2.25
C PHE B 20 -12.08 7.27 -1.10
N GLU B 21 -13.37 7.55 -1.35
CA GLU B 21 -14.38 7.44 -0.33
C GLU B 21 -15.61 6.75 -0.91
N GLN B 22 -16.18 5.79 -0.17
CA GLN B 22 -17.38 5.13 -0.68
C GLN B 22 -18.36 5.05 0.49
N LYS B 23 -19.55 5.64 0.31
CA LYS B 23 -20.52 5.70 1.39
C LYS B 23 -21.11 4.31 1.68
N GLU B 24 -21.36 3.55 0.62
CA GLU B 24 -21.99 2.25 0.72
C GLU B 24 -21.30 1.31 -0.26
N SER B 25 -21.34 0.01 0.04
CA SER B 25 -20.60 -0.97 -0.74
C SER B 25 -21.19 -1.12 -2.15
N ASN B 26 -22.46 -0.78 -2.31
CA ASN B 26 -23.13 -0.85 -3.60
C ASN B 26 -23.03 0.49 -4.34
N GLY B 27 -22.37 1.47 -3.73
CA GLY B 27 -22.44 2.82 -4.26
C GLY B 27 -21.17 3.24 -4.99
N PRO B 28 -21.18 4.43 -5.61
CA PRO B 28 -20.02 4.90 -6.33
C PRO B 28 -18.91 5.33 -5.36
N VAL B 29 -17.71 5.42 -5.94
CA VAL B 29 -16.52 5.81 -5.19
C VAL B 29 -16.14 7.22 -5.69
N LYS B 30 -15.99 8.13 -4.74
CA LYS B 30 -15.49 9.45 -5.04
C LYS B 30 -13.98 9.44 -4.89
N VAL B 31 -13.29 10.02 -5.89
CA VAL B 31 -11.84 10.02 -5.92
C VAL B 31 -11.43 11.48 -6.00
N TRP B 32 -10.57 11.95 -5.12
CA TRP B 32 -10.16 13.35 -5.16
C TRP B 32 -8.75 13.48 -4.64
N GLY B 33 -8.07 14.51 -5.12
CA GLY B 33 -6.76 14.82 -4.56
C GLY B 33 -6.01 15.68 -5.55
N SER B 34 -4.69 15.62 -5.51
CA SER B 34 -3.90 16.44 -6.41
C SER B 34 -2.60 15.71 -6.73
N ILE B 35 -2.11 15.90 -7.97
CA ILE B 35 -0.81 15.41 -8.38
C ILE B 35 -0.02 16.59 -8.94
N LYS B 36 1.25 16.69 -8.57
CA LYS B 36 2.05 17.79 -9.10
C LYS B 36 3.27 17.26 -9.85
N GLY B 37 3.94 18.15 -10.58
CA GLY B 37 5.14 17.84 -11.34
C GLY B 37 4.89 17.26 -12.73
N LEU B 38 3.65 17.36 -13.26
CA LEU B 38 3.23 16.78 -14.53
C LEU B 38 3.40 17.78 -15.68
N THR B 39 3.53 17.27 -16.91
CA THR B 39 3.38 18.12 -18.07
C THR B 39 1.91 18.50 -18.25
N GLU B 40 1.69 19.74 -18.69
CA GLU B 40 0.35 20.20 -19.02
C GLU B 40 -0.33 19.24 -19.99
N GLY B 41 -1.55 18.81 -19.65
CA GLY B 41 -2.33 17.96 -20.51
C GLY B 41 -2.80 16.69 -19.80
N LEU B 42 -3.17 15.70 -20.59
CA LEU B 42 -3.82 14.49 -20.05
C LEU B 42 -2.78 13.44 -19.65
N HIS B 43 -3.05 12.73 -18.52
CA HIS B 43 -2.16 11.67 -18.07
C HIS B 43 -2.94 10.46 -17.61
N GLY B 44 -2.59 9.30 -18.15
CA GLY B 44 -3.37 8.12 -17.86
C GLY B 44 -3.34 7.84 -16.36
N PHE B 45 -4.44 7.23 -15.89
CA PHE B 45 -4.64 7.11 -14.45
C PHE B 45 -5.32 5.78 -14.19
N HIS B 46 -4.56 4.83 -13.63
CA HIS B 46 -5.08 3.48 -13.58
C HIS B 46 -4.77 2.82 -12.24
N VAL B 47 -5.64 1.88 -11.84
CA VAL B 47 -5.29 0.93 -10.81
C VAL B 47 -4.69 -0.28 -11.52
N HIS B 48 -3.45 -0.62 -11.11
CA HIS B 48 -2.72 -1.78 -11.60
C HIS B 48 -2.85 -2.92 -10.59
N GLU B 49 -2.61 -4.15 -11.03
CA GLU B 49 -3.03 -5.33 -10.30
C GLU B 49 -2.29 -5.51 -8.96
N PHE B 50 -0.98 -5.26 -8.92
CA PHE B 50 -0.23 -5.65 -7.71
C PHE B 50 0.15 -4.42 -6.90
N GLY B 51 0.02 -4.55 -5.57
CA GLY B 51 0.49 -3.56 -4.62
C GLY B 51 1.98 -3.75 -4.33
N ASP B 52 2.77 -3.93 -5.40
CA ASP B 52 4.15 -4.38 -5.28
C ASP B 52 5.02 -3.28 -5.89
N ASN B 53 5.87 -2.68 -5.06
CA ASN B 53 6.74 -1.60 -5.50
C ASN B 53 8.22 -2.02 -5.39
N THR B 54 8.47 -3.33 -5.44
CA THR B 54 9.82 -3.87 -5.17
C THR B 54 10.88 -3.18 -6.03
N ALA B 55 10.56 -3.05 -7.32
CA ALA B 55 11.56 -2.40 -8.16
C ALA B 55 10.94 -1.19 -8.84
N GLY B 56 10.13 -0.42 -8.08
CA GLY B 56 9.48 0.73 -8.66
C GLY B 56 8.11 0.39 -9.25
N CYS B 57 7.57 1.34 -10.03
CA CYS B 57 6.20 1.22 -10.49
C CYS B 57 6.02 0.09 -11.50
N THR B 58 7.11 -0.36 -12.12
CA THR B 58 7.03 -1.52 -12.99
C THR B 58 6.48 -2.78 -12.31
N SER B 59 6.78 -2.99 -11.01
N SER B 59 6.75 -2.91 -11.00
CA SER B 59 6.36 -4.24 -10.38
CA SER B 59 6.43 -4.10 -10.24
C SER B 59 4.87 -4.26 -10.08
C SER B 59 4.93 -4.21 -10.03
N ALA B 60 4.17 -3.15 -10.36
CA ALA B 60 2.73 -3.15 -10.17
C ALA B 60 2.00 -4.02 -11.19
N GLY B 61 2.69 -4.45 -12.26
CA GLY B 61 2.05 -5.35 -13.20
C GLY B 61 1.04 -4.64 -14.11
N PRO B 62 0.11 -5.40 -14.70
CA PRO B 62 -0.80 -4.88 -15.72
C PRO B 62 -1.98 -4.13 -15.09
N HIS B 63 -2.90 -3.64 -15.93
CA HIS B 63 -4.05 -2.98 -15.35
C HIS B 63 -4.87 -3.99 -14.56
N PHE B 64 -5.48 -3.52 -13.48
CA PHE B 64 -6.29 -4.41 -12.65
C PHE B 64 -7.53 -4.82 -13.44
N ASN B 65 -7.62 -6.11 -13.77
CA ASN B 65 -8.56 -6.57 -14.79
C ASN B 65 -9.17 -7.91 -14.36
N PRO B 66 -9.85 -7.98 -13.19
CA PRO B 66 -10.38 -9.25 -12.70
C PRO B 66 -11.44 -9.90 -13.57
N LEU B 67 -12.12 -9.08 -14.38
CA LEU B 67 -13.24 -9.57 -15.16
C LEU B 67 -12.87 -9.79 -16.63
N SER B 68 -11.56 -9.74 -16.98
CA SER B 68 -11.06 -10.17 -18.26
C SER B 68 -11.70 -9.40 -19.41
N ARG B 69 -11.72 -8.06 -19.29
CA ARG B 69 -12.25 -7.21 -20.34
C ARG B 69 -11.08 -6.52 -21.08
N LYS B 70 -11.43 -5.84 -22.17
CA LYS B 70 -10.46 -5.02 -22.86
C LYS B 70 -10.38 -3.66 -22.18
N HIS B 71 -9.28 -2.95 -22.48
CA HIS B 71 -9.05 -1.65 -21.90
C HIS B 71 -10.02 -0.62 -22.49
N GLY B 72 -10.51 0.27 -21.63
CA GLY B 72 -11.40 1.33 -22.04
C GLY B 72 -11.32 2.53 -21.12
N GLY B 73 -12.24 3.46 -21.33
CA GLY B 73 -12.36 4.61 -20.45
C GLY B 73 -13.36 4.33 -19.33
N PRO B 74 -13.36 5.18 -18.29
CA PRO B 74 -14.15 4.91 -17.09
C PRO B 74 -15.66 4.90 -17.37
N LYS B 75 -16.08 5.64 -18.41
CA LYS B 75 -17.50 5.70 -18.71
C LYS B 75 -17.95 4.56 -19.63
N ASP B 76 -17.03 3.70 -20.06
CA ASP B 76 -17.33 2.62 -20.97
C ASP B 76 -17.74 1.37 -20.22
N GLU B 77 -18.63 0.56 -20.82
CA GLU B 77 -18.88 -0.77 -20.30
C GLU B 77 -17.65 -1.68 -20.47
N GLU B 78 -17.04 -1.60 -21.65
N GLU B 78 -17.04 -1.61 -21.65
CA GLU B 78 -15.84 -2.36 -21.94
CA GLU B 78 -15.87 -2.42 -21.90
C GLU B 78 -14.65 -1.60 -21.37
C GLU B 78 -14.63 -1.67 -21.39
N ARG B 79 -14.25 -2.03 -20.16
CA ARG B 79 -13.09 -1.42 -19.52
C ARG B 79 -12.58 -2.45 -18.51
N HIS B 80 -11.32 -2.24 -18.09
CA HIS B 80 -10.77 -2.91 -16.93
C HIS B 80 -11.34 -2.26 -15.67
N VAL B 81 -11.49 -3.03 -14.58
CA VAL B 81 -11.89 -2.41 -13.32
C VAL B 81 -10.96 -1.21 -13.02
N GLY B 82 -9.65 -1.33 -13.27
CA GLY B 82 -8.71 -0.27 -12.92
C GLY B 82 -8.66 0.92 -13.88
N ASP B 83 -9.57 1.02 -14.86
CA ASP B 83 -9.44 2.08 -15.86
C ASP B 83 -10.15 3.35 -15.40
N LEU B 84 -9.37 4.28 -14.83
CA LEU B 84 -9.91 5.54 -14.35
C LEU B 84 -9.56 6.69 -15.31
N GLY B 85 -9.20 6.40 -16.56
CA GLY B 85 -9.22 7.46 -17.55
C GLY B 85 -7.94 8.29 -17.51
N ASN B 86 -8.12 9.62 -17.55
CA ASN B 86 -7.02 10.54 -17.49
C ASN B 86 -7.26 11.54 -16.37
N VAL B 87 -6.16 12.00 -15.77
CA VAL B 87 -6.17 13.25 -15.02
C VAL B 87 -5.57 14.35 -15.89
N THR B 88 -5.91 15.61 -15.56
CA THR B 88 -5.46 16.72 -16.40
C THR B 88 -4.62 17.67 -15.59
N ALA B 89 -3.38 17.88 -16.03
CA ALA B 89 -2.50 18.85 -15.43
C ALA B 89 -2.60 20.20 -16.14
N ASP B 90 -2.58 21.24 -15.31
CA ASP B 90 -2.64 22.62 -15.77
C ASP B 90 -1.24 23.10 -16.15
N LYS B 91 -1.16 24.42 -16.39
CA LYS B 91 0.05 25.05 -16.86
C LYS B 91 1.17 24.92 -15.83
N ASP B 92 0.79 24.75 -14.56
CA ASP B 92 1.72 24.68 -13.46
C ASP B 92 2.10 23.24 -13.14
N GLY B 93 1.53 22.31 -13.91
CA GLY B 93 1.87 20.91 -13.74
C GLY B 93 1.04 20.24 -12.66
N VAL B 94 -0.06 20.89 -12.26
CA VAL B 94 -0.89 20.36 -11.16
C VAL B 94 -2.18 19.82 -11.74
N ALA B 95 -2.49 18.57 -11.37
CA ALA B 95 -3.75 17.97 -11.71
C ALA B 95 -4.58 17.88 -10.46
N ASP B 96 -5.71 18.60 -10.48
CA ASP B 96 -6.66 18.50 -9.39
C ASP B 96 -7.63 17.40 -9.81
N VAL B 97 -7.68 16.33 -9.02
CA VAL B 97 -8.41 15.13 -9.37
C VAL B 97 -9.78 15.19 -8.72
N SER B 98 -10.81 14.94 -9.52
CA SER B 98 -12.16 14.80 -9.00
C SER B 98 -12.91 13.86 -9.97
N ILE B 99 -13.15 12.63 -9.50
CA ILE B 99 -13.67 11.52 -10.29
C ILE B 99 -14.76 10.91 -9.41
N GLU B 100 -15.88 10.54 -10.03
CA GLU B 100 -16.78 9.63 -9.38
C GLU B 100 -16.85 8.41 -10.29
N ASP B 101 -16.70 7.23 -9.72
CA ASP B 101 -16.63 6.02 -10.51
C ASP B 101 -17.52 4.95 -9.89
N SER B 102 -18.27 4.26 -10.77
CA SER B 102 -19.17 3.20 -10.35
C SER B 102 -18.56 1.81 -10.39
N VAL B 103 -17.36 1.65 -10.97
CA VAL B 103 -16.91 0.27 -11.16
C VAL B 103 -15.91 -0.14 -10.08
N ILE B 104 -14.90 0.71 -9.81
CA ILE B 104 -14.09 0.44 -8.63
C ILE B 104 -14.93 0.33 -7.36
N SER B 105 -14.37 -0.40 -6.40
CA SER B 105 -15.00 -0.51 -5.09
C SER B 105 -13.95 -0.59 -4.00
N LEU B 106 -14.37 -0.19 -2.79
CA LEU B 106 -13.46 -0.28 -1.64
C LEU B 106 -13.87 -1.41 -0.72
N SER B 107 -14.88 -2.18 -1.11
CA SER B 107 -15.17 -3.37 -0.34
C SER B 107 -15.79 -4.40 -1.26
N GLY B 108 -16.27 -5.47 -0.64
CA GLY B 108 -17.07 -6.45 -1.36
C GLY B 108 -16.18 -7.19 -2.35
N ASP B 109 -16.54 -7.10 -3.63
CA ASP B 109 -15.83 -7.85 -4.66
C ASP B 109 -14.81 -6.96 -5.35
N HIS B 110 -13.62 -7.52 -5.57
CA HIS B 110 -12.63 -7.02 -6.53
C HIS B 110 -12.10 -5.63 -6.16
N CYS B 111 -11.99 -5.37 -4.87
CA CYS B 111 -11.76 -4.01 -4.42
C CYS B 111 -10.32 -3.61 -4.71
N ILE B 112 -10.02 -2.30 -4.59
CA ILE B 112 -8.76 -1.78 -5.04
C ILE B 112 -7.73 -1.69 -3.91
N ILE B 113 -8.13 -2.00 -2.67
CA ILE B 113 -7.21 -1.92 -1.54
C ILE B 113 -6.07 -2.93 -1.76
N GLY B 114 -4.84 -2.44 -1.51
CA GLY B 114 -3.66 -3.30 -1.63
C GLY B 114 -3.18 -3.42 -3.07
N ARG B 115 -3.82 -2.69 -3.99
CA ARG B 115 -3.39 -2.62 -5.37
C ARG B 115 -2.59 -1.32 -5.55
N THR B 116 -2.21 -1.01 -6.78
CA THR B 116 -1.37 0.18 -7.01
C THR B 116 -2.08 1.18 -7.91
N LEU B 117 -2.08 2.47 -7.52
CA LEU B 117 -2.57 3.49 -8.43
C LEU B 117 -1.37 4.10 -9.16
N VAL B 118 -1.51 4.33 -10.47
CA VAL B 118 -0.39 4.78 -11.28
C VAL B 118 -0.83 5.97 -12.11
N VAL B 119 0.03 7.00 -12.18
CA VAL B 119 -0.15 8.11 -13.10
C VAL B 119 0.95 8.02 -14.17
N HIS B 120 0.51 8.15 -15.44
CA HIS B 120 1.34 7.84 -16.60
C HIS B 120 1.88 9.09 -17.29
N GLU B 121 2.90 8.85 -18.12
CA GLU B 121 3.62 9.84 -18.91
C GLU B 121 2.73 10.57 -19.91
N LYS B 122 1.90 9.79 -20.64
CA LYS B 122 1.12 10.25 -21.78
C LYS B 122 -0.37 10.10 -21.49
N ALA B 123 -1.20 10.59 -22.43
CA ALA B 123 -2.63 10.41 -22.33
C ALA B 123 -2.97 8.94 -22.55
N ASP B 124 -4.01 8.49 -21.82
CA ASP B 124 -4.68 7.24 -22.10
C ASP B 124 -5.70 7.50 -23.22
N ASP B 125 -5.61 6.72 -24.30
CA ASP B 125 -6.48 6.94 -25.44
C ASP B 125 -7.83 6.24 -25.25
N LEU B 126 -8.03 5.61 -24.08
CA LEU B 126 -9.29 5.03 -23.63
C LEU B 126 -9.80 3.94 -24.56
N GLY B 127 -8.86 3.24 -25.20
CA GLY B 127 -9.16 2.14 -26.12
C GLY B 127 -9.59 2.61 -27.51
N LYS B 128 -9.38 3.91 -27.79
CA LYS B 128 -9.78 4.53 -29.06
C LYS B 128 -8.53 5.10 -29.73
N GLY B 129 -7.45 4.33 -29.73
CA GLY B 129 -6.24 4.82 -30.39
C GLY B 129 -5.99 4.14 -31.73
N GLY B 130 -6.72 3.06 -32.00
CA GLY B 130 -6.64 2.45 -33.33
C GLY B 130 -5.48 1.47 -33.54
N ASN B 131 -4.89 0.94 -32.46
CA ASN B 131 -3.89 -0.10 -32.59
C ASN B 131 -4.20 -1.14 -31.49
N GLU B 132 -3.47 -2.25 -31.54
CA GLU B 132 -3.72 -3.33 -30.60
C GLU B 132 -3.47 -2.87 -29.18
N GLU B 133 -2.42 -2.08 -28.97
CA GLU B 133 -2.05 -1.70 -27.62
C GLU B 133 -3.12 -0.79 -27.01
N SER B 134 -3.87 -0.08 -27.88
CA SER B 134 -4.92 0.77 -27.35
C SER B 134 -5.90 0.00 -26.47
N THR B 135 -6.25 -1.24 -26.87
CA THR B 135 -7.25 -2.06 -26.21
C THR B 135 -6.62 -2.81 -25.03
N LYS B 136 -5.34 -2.52 -24.71
CA LYS B 136 -4.66 -3.22 -23.62
C LYS B 136 -4.22 -2.23 -22.56
N THR B 137 -3.50 -1.20 -22.97
CA THR B 137 -2.95 -0.25 -22.03
C THR B 137 -3.51 1.14 -22.24
N GLY B 138 -4.00 1.44 -23.45
CA GLY B 138 -4.36 2.81 -23.77
C GLY B 138 -3.18 3.65 -24.26
N ASN B 139 -2.00 3.04 -24.49
CA ASN B 139 -0.84 3.75 -24.99
C ASN B 139 -0.46 4.93 -24.07
N ALA B 140 -0.60 4.76 -22.74
CA ALA B 140 -0.30 5.89 -21.87
C ALA B 140 1.15 5.97 -21.42
N GLY B 141 2.03 5.11 -21.91
CA GLY B 141 3.44 5.36 -21.70
C GLY B 141 3.91 5.01 -20.28
N SER B 142 5.04 5.60 -19.90
CA SER B 142 5.77 5.16 -18.73
C SER B 142 4.99 5.52 -17.47
N ARG B 143 5.39 4.88 -16.37
CA ARG B 143 4.77 5.14 -15.10
C ARG B 143 5.53 6.22 -14.36
N LEU B 144 4.92 7.42 -14.16
CA LEU B 144 5.70 8.52 -13.59
C LEU B 144 5.73 8.44 -12.07
N ALA B 145 4.62 7.96 -11.48
CA ALA B 145 4.53 7.87 -10.03
C ALA B 145 3.45 6.85 -9.69
N CYS B 146 3.56 6.24 -8.52
CA CYS B 146 2.57 5.23 -8.15
C CYS B 146 2.56 5.08 -6.63
N GLY B 147 1.58 4.34 -6.09
CA GLY B 147 1.56 4.08 -4.66
C GLY B 147 0.58 2.94 -4.40
N VAL B 148 0.78 2.27 -3.27
CA VAL B 148 -0.14 1.21 -2.87
C VAL B 148 -1.34 1.88 -2.19
N ILE B 149 -2.55 1.38 -2.50
CA ILE B 149 -3.79 1.96 -2.00
C ILE B 149 -4.05 1.35 -0.63
N GLY B 150 -4.13 2.23 0.38
CA GLY B 150 -4.16 1.74 1.75
C GLY B 150 -5.41 2.23 2.49
N ILE B 151 -5.75 1.51 3.58
CA ILE B 151 -6.93 1.84 4.37
C ILE B 151 -6.66 3.11 5.15
N ALA B 152 -7.64 4.04 5.11
CA ALA B 152 -7.53 5.29 5.86
C ALA B 152 -8.49 5.26 7.04
N GLN B 153 -8.26 6.21 7.94
CA GLN B 153 -9.14 6.39 9.10
C GLN B 153 -10.52 6.94 8.67
N1 Q8H C . -5.99 -11.32 -3.99
C2 Q8H C . -8.05 -5.58 3.14
C4 Q8H C . -7.75 -8.05 2.67
C5 Q8H C . -8.30 -7.68 1.30
C6 Q8H C . -8.43 -8.77 0.32
O Q8H C . -8.62 -9.89 0.79
C3 Q8H C . -7.67 -6.90 3.52
C1 Q8H C . -8.57 -5.31 1.89
C Q8H C . -8.65 -6.35 0.95
N Q8H C . -8.34 -8.54 -0.97
C7 Q8H C . -8.64 -9.68 -1.87
C12 Q8H C . -5.16 -11.24 -1.76
C11 Q8H C . -5.01 -11.59 -3.12
C10 Q8H C . -7.17 -10.72 -3.65
C9 Q8H C . -6.34 -10.60 -1.37
C8 Q8H C . -7.36 -10.35 -2.30
SE Q8H C . -7.28 -9.64 3.02
ZN ZN D . 1.04 -3.42 19.68
ZN ZN E . 5.00 0.98 15.73
S SO4 F . 4.24 3.41 17.75
O1 SO4 F . 4.37 2.00 17.39
O2 SO4 F . 5.17 3.70 18.85
O3 SO4 F . 4.63 4.25 16.66
O4 SO4 F . 2.91 3.67 18.10
S SO4 G . -0.18 -14.34 27.51
O1 SO4 G . 0.18 -15.27 26.47
O2 SO4 G . 0.99 -14.11 28.35
O3 SO4 G . -0.61 -13.08 26.97
O4 SO4 G . -1.26 -14.90 28.31
N1 Q8H H . -12.79 -7.55 7.30
C2 Q8H H . -12.28 -8.86 -2.03
C4 Q8H H . -12.11 -6.99 -0.36
C5 Q8H H . -11.96 -8.16 0.60
C6 Q8H H . -11.79 -7.84 2.05
O Q8H H . -11.98 -6.66 2.35
C3 Q8H H . -12.25 -7.48 -1.70
C1 Q8H H . -12.15 -9.91 -1.07
C Q8H H . -11.98 -9.54 0.26
N Q8H H . -11.35 -8.78 2.91
C7 Q8H H . -10.79 -8.51 4.24
C12 Q8H H . -14.02 -9.25 6.12
C11 Q8H H . -13.86 -8.36 7.19
C10 Q8H H . -11.80 -7.58 6.37
C9 Q8H H . -13.02 -9.30 5.15
C8 Q8H H . -11.90 -8.45 5.27
SE Q8H H . -12.07 -5.36 0.00
ZN ZN I . -6.96 -0.72 -18.71
ZN ZN J . -1.11 2.13 -16.35
S SO4 K . 0.64 0.58 -18.62
O1 SO4 K . 0.26 -0.78 -18.94
O2 SO4 K . 1.75 0.60 -17.73
O3 SO4 K . -0.52 1.22 -17.99
O4 SO4 K . 0.97 1.33 -19.85
#